data_6W0R
#
_entry.id   6W0R
#
_cell.length_a   88.928
_cell.length_b   88.928
_cell.length_c   210.539
_cell.angle_alpha   90.000
_cell.angle_beta   90.000
_cell.angle_gamma   120.000
#
_symmetry.space_group_name_H-M   'P 65 2 2'
#
loop_
_entity.id
_entity.type
_entity.pdbx_description
1 polymer 'N-glycosylase/DNA lyase'
2 polymer "DNA (5'-D(P*CP*AP*GP*GP*TP*C)-3')"
3 polymer "DNA (5'-D(P*CP*CP*TP*GP*G)-3')"
4 non-polymer 'SODIUM ION'
5 non-polymer 'NITRATE ION'
6 non-polymer 2-(2-ethoxyethoxy)ethanethiol
7 water water
#
loop_
_entity_poly.entity_id
_entity_poly.type
_entity_poly.pdbx_seq_one_letter_code
_entity_poly.pdbx_strand_id
1 'polypeptide(L)'
;GSEGHRTLASTPALWASIPCPRSELRLDLVLPSGQSFRWREQSPAHWSGVLADQVWTLTQTEEQLHCTVYRGDKSQASRP
TPDELEAVRKYFQLDVTLAQLYHHWGSVDSHFQQVAQKFQGVRLLRQDPIECLFSFICSSNNNIARITGMVERLCQAFGP
RLIQLDDVTYHGFPSLQALAGPEVEAHLRKLGLGYRARCVSASARAILEEQGGLAWLQQLRESSYEEAHKALCILPGVGT
KVADCICLMALDKPQAVPVDVHMWHIAQRDYSWHPTTSQAKGPSPQTNKELGNFFRSLWGPYAGWAQAVLFSADL
;
A
2 'polydeoxyribonucleotide' (DC)(DA)(DG)(DG)(DT)(DC) B
3 'polydeoxyribonucleotide' (DC)(DC)(DT)(DG)(DG) C
#
# COMPACT_ATOMS: atom_id res chain seq x y z
N GLY A 1 -23.70 -19.90 7.66
N GLY A 1 -22.21 -20.07 10.27
CA GLY A 1 -22.59 -20.03 8.60
CA GLY A 1 -22.49 -20.15 8.84
C GLY A 1 -21.37 -20.66 7.96
C GLY A 1 -21.33 -20.71 8.04
N SER A 2 -21.57 -21.80 7.32
CA SER A 2 -20.50 -22.44 6.55
C SER A 2 -20.25 -21.75 5.22
N GLU A 3 -21.24 -21.02 4.70
CA GLU A 3 -21.04 -20.14 3.55
C GLU A 3 -20.86 -18.68 3.97
N GLY A 4 -20.21 -17.91 3.09
CA GLY A 4 -20.14 -16.48 3.25
C GLY A 4 -18.86 -16.01 3.94
N HIS A 5 -18.76 -14.69 4.07
CA HIS A 5 -17.67 -14.08 4.80
C HIS A 5 -17.85 -14.36 6.30
N ARG A 6 -16.76 -14.73 6.96
CA ARG A 6 -16.84 -15.08 8.37
C ARG A 6 -16.77 -13.83 9.25
N THR A 7 -17.25 -13.98 10.47
CA THR A 7 -17.07 -12.98 11.51
C THR A 7 -16.55 -13.69 12.76
N LEU A 8 -15.92 -12.91 13.63
CA LEU A 8 -15.40 -13.47 14.88
C LEU A 8 -16.48 -14.21 15.65
N ALA A 9 -17.71 -13.68 15.64
CA ALA A 9 -18.80 -14.31 16.37
C ALA A 9 -19.37 -15.51 15.63
N SER A 10 -19.53 -15.41 14.31
CA SER A 10 -20.25 -16.44 13.57
C SER A 10 -19.51 -17.77 13.53
N THR A 11 -18.17 -17.74 13.47
CA THR A 11 -17.36 -18.96 13.40
C THR A 11 -16.15 -18.84 14.30
N PRO A 12 -16.36 -18.88 15.63
CA PRO A 12 -15.24 -18.64 16.56
C PRO A 12 -14.08 -19.59 16.39
N ALA A 13 -14.34 -20.85 16.04
CA ALA A 13 -13.28 -21.85 16.00
C ALA A 13 -12.31 -21.68 14.84
N LEU A 14 -12.58 -20.76 13.92
CA LEU A 14 -11.75 -20.59 12.74
C LEU A 14 -10.88 -19.34 12.78
N TRP A 15 -10.78 -18.69 13.93
CA TRP A 15 -9.98 -17.48 14.07
C TRP A 15 -8.77 -17.75 14.96
N ALA A 16 -7.64 -17.13 14.62
CA ALA A 16 -6.43 -17.18 15.43
C ALA A 16 -5.95 -15.75 15.68
N SER A 17 -5.31 -15.55 16.82
CA SER A 17 -4.97 -14.21 17.30
C SER A 17 -3.48 -13.96 17.21
N ILE A 18 -3.12 -12.79 16.72
CA ILE A 18 -1.77 -12.25 16.84
C ILE A 18 -1.81 -11.16 17.91
N PRO A 19 -0.99 -11.24 18.95
CA PRO A 19 -0.96 -10.16 19.95
C PRO A 19 -0.54 -8.87 19.27
N CYS A 20 -1.45 -7.92 19.25
CA CYS A 20 -1.21 -6.68 18.53
C CYS A 20 -2.14 -5.63 19.09
N PRO A 21 -1.66 -4.75 19.96
CA PRO A 21 -2.53 -3.70 20.49
C PRO A 21 -2.92 -2.72 19.41
N ARG A 22 -3.97 -1.98 19.70
CA ARG A 22 -4.57 -1.10 18.71
C ARG A 22 -3.72 0.15 18.47
N SER A 23 -2.81 0.46 19.39
CA SER A 23 -1.83 1.52 19.17
C SER A 23 -0.77 1.13 18.16
N GLU A 24 -0.57 -0.17 17.92
CA GLU A 24 0.38 -0.63 16.91
C GLU A 24 -0.26 -0.78 15.53
N LEU A 25 -1.58 -0.86 15.46
CA LEU A 25 -2.26 -1.09 14.19
C LEU A 25 -3.73 -0.74 14.33
N ARG A 26 -4.23 0.09 13.42
CA ARG A 26 -5.67 0.27 13.24
C ARG A 26 -6.01 -0.07 11.79
N LEU A 27 -6.74 -1.17 11.61
CA LEU A 27 -7.13 -1.59 10.27
C LEU A 27 -7.89 -0.51 9.54
N ASP A 28 -8.78 0.19 10.25
CA ASP A 28 -9.64 1.20 9.62
C ASP A 28 -8.87 2.42 9.15
N LEU A 29 -7.64 2.61 9.62
CA LEU A 29 -6.80 3.71 9.15
C LEU A 29 -5.74 3.25 8.16
N VAL A 30 -5.54 1.94 7.98
CA VAL A 30 -4.45 1.43 7.16
C VAL A 30 -4.96 0.76 5.89
N LEU A 31 -6.06 0.00 5.97
CA LEU A 31 -6.54 -0.78 4.82
C LEU A 31 -7.35 -0.01 3.77
N PRO A 32 -8.12 1.02 4.12
CA PRO A 32 -8.80 1.80 3.08
C PRO A 32 -8.14 3.13 2.73
N SER A 33 -6.93 3.39 3.21
CA SER A 33 -6.34 4.72 3.16
C SER A 33 -5.41 4.94 1.98
N GLY A 34 -5.50 4.11 0.93
CA GLY A 34 -4.76 4.38 -0.28
C GLY A 34 -3.37 3.80 -0.36
N GLN A 35 -3.02 2.84 0.49
CA GLN A 35 -1.82 2.02 0.30
C GLN A 35 -2.18 0.86 -0.62
N SER A 36 -3.00 -0.07 -0.14
CA SER A 36 -3.61 -1.11 -0.95
C SER A 36 -5.03 -0.70 -1.30
N PHE A 37 -5.47 -1.09 -2.51
CA PHE A 37 -6.80 -0.74 -2.98
C PHE A 37 -7.74 -1.95 -3.01
N ARG A 38 -7.35 -3.04 -2.33
CA ARG A 38 -8.03 -4.31 -2.52
C ARG A 38 -8.51 -4.93 -1.20
N TRP A 39 -8.70 -4.13 -0.17
CA TRP A 39 -9.31 -4.60 1.08
C TRP A 39 -10.70 -4.01 1.21
N ARG A 40 -11.64 -4.83 1.68
CA ARG A 40 -13.03 -4.41 1.82
C ARG A 40 -13.55 -4.79 3.19
N GLU A 41 -14.34 -3.89 3.77
CA GLU A 41 -15.04 -4.13 5.04
C GLU A 41 -16.40 -4.74 4.73
N GLN A 42 -16.39 -6.03 4.42
CA GLN A 42 -17.61 -6.70 3.97
C GLN A 42 -18.66 -6.77 5.07
N SER A 43 -18.24 -6.83 6.33
CA SER A 43 -19.14 -6.68 7.46
C SER A 43 -18.43 -5.77 8.46
N PRO A 44 -19.18 -5.07 9.31
CA PRO A 44 -18.58 -4.05 10.17
C PRO A 44 -17.35 -4.55 10.92
N ALA A 45 -16.27 -3.78 10.82
CA ALA A 45 -14.98 -4.01 11.47
C ALA A 45 -14.26 -5.26 10.98
N HIS A 46 -14.77 -5.93 9.95
CA HIS A 46 -14.16 -7.13 9.39
C HIS A 46 -13.69 -6.86 7.98
N TRP A 47 -12.38 -6.91 7.77
CA TRP A 47 -11.76 -6.55 6.50
C TRP A 47 -11.30 -7.81 5.77
N SER A 48 -11.76 -7.97 4.52
CA SER A 48 -11.45 -9.14 3.72
C SER A 48 -10.62 -8.76 2.50
N GLY A 49 -9.69 -9.63 2.13
CA GLY A 49 -8.81 -9.35 1.01
C GLY A 49 -7.82 -10.46 0.81
N VAL A 50 -7.05 -10.34 -0.28
CA VAL A 50 -6.03 -11.33 -0.63
C VAL A 50 -4.73 -10.97 0.05
N LEU A 51 -4.18 -11.91 0.80
CA LEU A 51 -2.91 -11.75 1.52
C LEU A 51 -2.11 -13.02 1.32
N ALA A 52 -0.93 -12.89 0.71
CA ALA A 52 -0.06 -14.03 0.43
C ALA A 52 -0.81 -15.11 -0.34
N ASP A 53 -1.45 -14.69 -1.43
CA ASP A 53 -2.13 -15.54 -2.42
C ASP A 53 -3.35 -16.26 -1.87
N GLN A 54 -3.85 -15.86 -0.70
CA GLN A 54 -5.04 -16.45 -0.11
C GLN A 54 -5.94 -15.34 0.39
N VAL A 55 -7.22 -15.65 0.53
CA VAL A 55 -8.18 -14.69 1.07
C VAL A 55 -8.16 -14.78 2.58
N TRP A 56 -8.14 -13.62 3.23
CA TRP A 56 -8.17 -13.52 4.68
C TRP A 56 -9.28 -12.56 5.06
N THR A 57 -9.83 -12.75 6.27
CA THR A 57 -10.65 -11.74 6.90
C THR A 57 -9.97 -11.34 8.20
N LEU A 58 -9.91 -10.04 8.47
CA LEU A 58 -9.23 -9.51 9.64
C LEU A 58 -10.18 -8.63 10.44
N THR A 59 -10.14 -8.80 11.75
CA THR A 59 -10.84 -7.90 12.67
C THR A 59 -10.02 -7.84 13.95
N GLN A 60 -10.16 -6.74 14.68
CA GLN A 60 -9.30 -6.58 15.84
C GLN A 60 -10.08 -6.12 17.07
N THR A 61 -9.67 -6.63 18.21
CA THR A 61 -10.08 -6.14 19.52
C THR A 61 -8.97 -5.25 20.07
N GLU A 62 -9.04 -4.92 21.37
CA GLU A 62 -8.13 -3.92 21.91
C GLU A 62 -6.69 -4.42 21.94
N GLU A 63 -6.48 -5.72 22.13
CA GLU A 63 -5.14 -6.27 22.25
C GLU A 63 -4.81 -7.31 21.20
N GLN A 64 -5.72 -7.63 20.28
CA GLN A 64 -5.53 -8.80 19.43
C GLN A 64 -5.98 -8.53 18.01
N LEU A 65 -5.14 -8.93 17.06
CA LEU A 65 -5.51 -8.98 15.65
C LEU A 65 -6.03 -10.38 15.36
N HIS A 66 -7.34 -10.50 15.14
CA HIS A 66 -7.95 -11.79 14.84
C HIS A 66 -7.92 -12.02 13.33
N CYS A 67 -7.49 -13.22 12.93
CA CYS A 67 -7.31 -13.57 11.53
C CYS A 67 -7.99 -14.90 11.22
N THR A 68 -8.53 -14.99 10.01
CA THR A 68 -9.06 -16.23 9.48
C THR A 68 -8.72 -16.29 8.00
N VAL A 69 -8.47 -17.51 7.50
CA VAL A 69 -8.02 -17.71 6.13
C VAL A 69 -8.93 -18.72 5.46
N TYR A 70 -9.23 -18.49 4.18
CA TYR A 70 -10.05 -19.37 3.36
C TYR A 70 -9.13 -20.00 2.31
N ARG A 71 -8.86 -21.30 2.46
CA ARG A 71 -7.93 -21.97 1.55
C ARG A 71 -8.64 -22.60 0.33
N SER A 75 -9.04 -27.86 1.79
CA SER A 75 -10.45 -27.53 1.63
C SER A 75 -11.20 -27.67 2.95
N GLN A 76 -10.58 -28.31 3.94
CA GLN A 76 -11.18 -28.47 5.25
C GLN A 76 -10.97 -27.20 6.08
N ALA A 77 -12.04 -26.70 6.68
CA ALA A 77 -11.97 -25.43 7.41
C ALA A 77 -11.31 -25.62 8.77
N SER A 78 -10.32 -24.78 9.05
CA SER A 78 -9.64 -24.75 10.34
C SER A 78 -8.97 -23.40 10.49
N ARG A 79 -8.72 -23.03 11.75
CA ARG A 79 -8.12 -21.74 12.03
C ARG A 79 -6.73 -21.65 11.41
N PRO A 80 -6.19 -20.44 11.21
CA PRO A 80 -4.88 -20.32 10.58
C PRO A 80 -3.78 -20.96 11.44
N THR A 81 -2.78 -21.49 10.74
CA THR A 81 -1.62 -22.10 11.39
C THR A 81 -0.59 -21.04 11.74
N PRO A 82 0.38 -21.37 12.61
CA PRO A 82 1.43 -20.38 12.92
C PRO A 82 2.19 -19.87 11.71
N ASP A 83 2.48 -20.72 10.72
CA ASP A 83 3.16 -20.24 9.53
C ASP A 83 2.28 -19.26 8.75
N GLU A 84 1.00 -19.59 8.59
CA GLU A 84 0.10 -18.69 7.88
C GLU A 84 -0.02 -17.35 8.60
N LEU A 85 -0.05 -17.36 9.93
CA LEU A 85 -0.14 -16.10 10.67
C LEU A 85 1.13 -15.26 10.49
N GLU A 86 2.28 -15.89 10.32
CA GLU A 86 3.51 -15.14 10.08
C GLU A 86 3.40 -14.30 8.81
N ALA A 87 2.70 -14.83 7.80
CA ALA A 87 2.47 -14.05 6.59
C ALA A 87 1.73 -12.75 6.90
N VAL A 88 0.80 -12.81 7.86
CA VAL A 88 0.08 -11.61 8.27
C VAL A 88 1.02 -10.63 8.97
N ARG A 89 1.83 -11.12 9.91
CA ARG A 89 2.79 -10.24 10.59
C ARG A 89 3.72 -9.59 9.59
N LYS A 90 4.20 -10.35 8.60
CA LYS A 90 5.11 -9.77 7.60
C LYS A 90 4.42 -8.73 6.75
N TYR A 91 3.14 -8.94 6.45
CA TYR A 91 2.38 -8.00 5.63
C TYR A 91 2.21 -6.67 6.35
N PHE A 92 1.89 -6.71 7.65
CA PHE A 92 1.75 -5.50 8.44
C PHE A 92 3.08 -5.03 9.04
N GLN A 93 4.17 -5.75 8.79
CA GLN A 93 5.51 -5.40 9.28
C GLN A 93 5.49 -5.14 10.79
N LEU A 94 4.86 -6.06 11.53
CA LEU A 94 4.61 -5.86 12.95
C LEU A 94 5.88 -5.75 13.77
N ASP A 95 7.03 -6.21 13.25
CA ASP A 95 8.28 -6.01 13.97
C ASP A 95 8.69 -4.55 14.03
N VAL A 96 8.19 -3.72 13.11
CA VAL A 96 8.37 -2.28 13.22
C VAL A 96 7.39 -1.78 14.27
N THR A 97 7.92 -1.28 15.38
CA THR A 97 7.12 -0.90 16.54
C THR A 97 6.75 0.57 16.45
N LEU A 98 5.45 0.86 16.28
CA LEU A 98 4.99 2.24 16.16
C LEU A 98 5.23 3.03 17.44
N ALA A 99 5.08 2.38 18.60
CA ALA A 99 5.36 3.05 19.86
C ALA A 99 6.76 3.67 19.86
N GLN A 100 7.73 2.94 19.30
CA GLN A 100 9.08 3.50 19.20
C GLN A 100 9.16 4.59 18.13
N LEU A 101 8.55 4.36 16.97
CA LEU A 101 8.58 5.36 15.91
C LEU A 101 7.88 6.64 16.34
N TYR A 102 6.67 6.53 16.90
CA TYR A 102 5.95 7.71 17.36
C TYR A 102 6.75 8.47 18.40
N HIS A 103 7.43 7.75 19.29
CA HIS A 103 8.23 8.42 20.31
C HIS A 103 9.35 9.24 19.69
N HIS A 104 10.01 8.71 18.64
CA HIS A 104 11.07 9.45 18.00
C HIS A 104 10.53 10.65 17.24
N TRP A 105 9.47 10.47 16.47
CA TRP A 105 8.91 11.57 15.70
C TRP A 105 8.40 12.69 16.60
N GLY A 106 7.75 12.33 17.71
CA GLY A 106 7.32 13.35 18.66
C GLY A 106 8.49 14.03 19.35
N SER A 107 9.59 13.31 19.55
CA SER A 107 10.75 13.88 20.20
C SER A 107 11.34 15.04 19.39
N VAL A 108 11.47 14.85 18.08
CA VAL A 108 12.12 15.85 17.20
C VAL A 108 11.12 16.78 16.53
N ASP A 109 9.82 16.54 16.70
CA ASP A 109 8.79 17.30 16.00
C ASP A 109 7.64 17.50 16.95
N SER A 110 7.41 18.76 17.35
CA SER A 110 6.33 19.07 18.28
C SER A 110 4.97 18.95 17.63
N HIS A 111 4.87 19.29 16.35
CA HIS A 111 3.58 19.21 15.66
C HIS A 111 3.10 17.76 15.54
N PHE A 112 4.02 16.84 15.23
CA PHE A 112 3.68 15.43 15.19
C PHE A 112 3.14 14.94 16.53
N GLN A 113 3.94 15.03 17.56
CA GLN A 113 3.47 14.89 18.93
C GLN A 113 2.07 15.40 19.27
N GLN A 114 1.64 16.51 18.70
CA GLN A 114 0.27 16.94 18.97
C GLN A 114 -0.75 16.11 18.20
N VAL A 115 -0.55 15.97 16.89
CA VAL A 115 -1.62 15.40 16.05
C VAL A 115 -1.59 13.88 16.04
N ALA A 116 -0.49 13.25 16.45
CA ALA A 116 -0.40 11.79 16.45
C ALA A 116 -1.23 11.16 17.56
N GLN A 117 -1.63 11.94 18.56
CA GLN A 117 -2.26 11.37 19.75
C GLN A 117 -3.58 10.68 19.41
N LYS A 118 -4.41 11.31 18.58
CA LYS A 118 -5.68 10.71 18.18
C LYS A 118 -5.54 9.76 16.99
N PHE A 119 -4.35 9.62 16.41
CA PHE A 119 -4.16 8.83 15.19
C PHE A 119 -3.02 7.82 15.38
N GLN A 120 -3.18 6.93 16.35
CA GLN A 120 -2.23 5.85 16.54
C GLN A 120 -2.56 4.69 15.60
N GLY A 121 -1.64 3.74 15.54
CA GLY A 121 -1.83 2.55 14.73
C GLY A 121 -1.70 2.73 13.24
N VAL A 122 -1.15 3.84 12.77
CA VAL A 122 -0.95 4.07 11.33
C VAL A 122 0.42 3.55 10.95
N ARG A 123 0.46 2.53 10.10
CA ARG A 123 1.70 1.90 9.67
C ARG A 123 1.64 1.60 8.18
N LEU A 124 2.80 1.22 7.62
CA LEU A 124 2.90 0.91 6.20
C LEU A 124 2.80 -0.58 5.95
N LEU A 125 1.92 -0.97 5.04
CA LEU A 125 1.92 -2.34 4.54
C LEU A 125 3.18 -2.64 3.75
N ARG A 126 3.56 -3.91 3.71
CA ARG A 126 4.62 -4.39 2.85
C ARG A 126 3.94 -5.11 1.68
N GLN A 127 3.84 -4.42 0.55
CA GLN A 127 3.07 -4.92 -0.58
C GLN A 127 3.96 -5.58 -1.62
N ASP A 128 3.34 -6.40 -2.45
CA ASP A 128 4.06 -7.01 -3.56
C ASP A 128 4.45 -5.93 -4.57
N PRO A 129 5.67 -5.98 -5.10
CA PRO A 129 6.08 -4.96 -6.08
C PRO A 129 5.17 -4.91 -7.30
N ILE A 130 4.74 -6.06 -7.82
CA ILE A 130 3.91 -6.07 -9.04
C ILE A 130 2.59 -5.33 -8.77
N GLU A 131 1.84 -5.80 -7.77
CA GLU A 131 0.58 -5.17 -7.44
C GLU A 131 0.76 -3.68 -7.20
N CYS A 132 1.78 -3.32 -6.43
CA CYS A 132 2.00 -1.92 -6.07
C CYS A 132 2.32 -1.08 -7.29
N LEU A 133 3.29 -1.53 -8.10
CA LEU A 133 3.72 -0.78 -9.28
C LEU A 133 2.53 -0.41 -10.15
N PHE A 134 1.69 -1.38 -10.46
CA PHE A 134 0.62 -1.14 -11.42
C PHE A 134 -0.57 -0.43 -10.80
N SER A 135 -0.86 -0.70 -9.53
CA SER A 135 -1.90 0.06 -8.84
C SER A 135 -1.59 1.55 -8.88
N PHE A 136 -0.34 1.93 -8.65
CA PHE A 136 0.02 3.33 -8.57
C PHE A 136 0.34 3.94 -9.92
N ILE A 137 0.67 3.13 -10.92
CA ILE A 137 0.61 3.61 -12.29
C ILE A 137 -0.79 4.15 -12.57
N CYS A 138 -1.80 3.45 -12.06
CA CYS A 138 -3.19 3.84 -12.24
C CYS A 138 -3.59 5.03 -11.37
N SER A 139 -2.74 5.44 -10.43
CA SER A 139 -3.14 6.47 -9.47
C SER A 139 -3.02 7.88 -10.03
N SER A 140 -2.39 8.07 -11.19
CA SER A 140 -2.21 9.41 -11.73
C SER A 140 -3.55 9.98 -12.20
N ASN A 141 -3.77 11.26 -11.88
CA ASN A 141 -4.99 11.98 -12.22
C ASN A 141 -6.23 11.22 -11.79
N ASN A 142 -6.30 10.86 -10.51
CA ASN A 142 -7.30 9.86 -10.21
C ASN A 142 -7.48 9.86 -8.70
N ASN A 143 -8.60 9.31 -8.22
CA ASN A 143 -8.88 9.33 -6.79
C ASN A 143 -9.02 7.91 -6.24
N ILE A 144 -9.02 7.80 -4.91
CA ILE A 144 -9.02 6.47 -4.28
C ILE A 144 -10.22 5.65 -4.74
N ALA A 145 -11.39 6.29 -4.83
CA ALA A 145 -12.59 5.59 -5.28
C ALA A 145 -12.40 5.03 -6.69
N ARG A 146 -11.90 5.85 -7.61
CA ARG A 146 -11.75 5.41 -8.98
C ARG A 146 -10.58 4.45 -9.15
N ILE A 147 -9.46 4.71 -8.44
CA ILE A 147 -8.35 3.78 -8.45
C ILE A 147 -8.82 2.39 -8.03
N THR A 148 -9.62 2.34 -6.96
CA THR A 148 -10.09 1.06 -6.42
C THR A 148 -10.89 0.28 -7.46
N GLY A 149 -11.84 0.94 -8.12
CA GLY A 149 -12.62 0.27 -9.16
C GLY A 149 -11.75 -0.20 -10.31
N MET A 150 -10.82 0.64 -10.74
CA MET A 150 -9.92 0.28 -11.83
C MET A 150 -9.09 -0.95 -11.45
N VAL A 151 -8.54 -0.95 -10.23
CA VAL A 151 -7.76 -2.10 -9.78
C VAL A 151 -8.65 -3.34 -9.68
N GLU A 152 -9.86 -3.16 -9.17
CA GLU A 152 -10.76 -4.30 -9.00
C GLU A 152 -11.11 -4.93 -10.34
N ARG A 153 -11.45 -4.10 -11.34
CA ARG A 153 -11.80 -4.63 -12.65
C ARG A 153 -10.57 -5.20 -13.36
N LEU A 154 -9.42 -4.53 -13.20
CA LEU A 154 -8.15 -5.10 -13.63
C LEU A 154 -7.95 -6.53 -13.10
N CYS A 155 -8.14 -6.73 -11.80
CA CYS A 155 -7.85 -8.05 -11.23
C CYS A 155 -8.88 -9.08 -11.67
N GLN A 156 -10.14 -8.68 -11.85
CA GLN A 156 -11.17 -9.61 -12.31
C GLN A 156 -10.87 -10.13 -13.71
N ALA A 157 -10.39 -9.25 -14.60
CA ALA A 157 -10.22 -9.63 -15.99
C ALA A 157 -8.95 -10.46 -16.21
N PHE A 158 -7.87 -10.14 -15.49
CA PHE A 158 -6.58 -10.77 -15.77
C PHE A 158 -5.99 -11.56 -14.62
N GLY A 159 -6.60 -11.54 -13.43
CA GLY A 159 -6.03 -12.21 -12.28
C GLY A 159 -6.61 -13.59 -12.06
N PRO A 160 -5.81 -14.50 -11.51
CA PRO A 160 -6.27 -15.88 -11.30
C PRO A 160 -7.39 -15.92 -10.28
N ARG A 161 -8.44 -16.67 -10.60
CA ARG A 161 -9.54 -16.87 -9.67
C ARG A 161 -9.06 -17.65 -8.44
N LEU A 162 -9.49 -17.20 -7.26
CA LEU A 162 -9.13 -17.89 -6.02
C LEU A 162 -10.33 -18.63 -5.44
N ILE A 163 -11.26 -17.89 -4.83
CA ILE A 163 -12.47 -18.44 -4.21
C ILE A 163 -13.59 -17.42 -4.38
N GLN A 164 -14.81 -17.87 -4.10
CA GLN A 164 -15.98 -17.00 -4.06
C GLN A 164 -16.56 -17.05 -2.66
N LEU A 165 -16.70 -15.88 -2.04
CA LEU A 165 -17.37 -15.73 -0.75
C LEU A 165 -18.57 -14.83 -0.98
N ASP A 166 -19.75 -15.31 -0.57
CA ASP A 166 -20.98 -14.62 -0.92
C ASP A 166 -21.02 -14.31 -2.41
N ASP A 167 -21.12 -13.04 -2.79
CA ASP A 167 -21.16 -12.67 -4.21
C ASP A 167 -19.85 -12.06 -4.69
N VAL A 168 -18.75 -12.28 -3.98
CA VAL A 168 -17.45 -11.71 -4.30
C VAL A 168 -16.52 -12.84 -4.71
N THR A 169 -16.05 -12.79 -5.96
CA THR A 169 -15.03 -13.71 -6.44
C THR A 169 -13.67 -13.03 -6.31
N TYR A 170 -12.81 -13.58 -5.45
CA TYR A 170 -11.50 -13.00 -5.18
C TYR A 170 -10.50 -13.48 -6.22
N HIS A 171 -9.72 -12.55 -6.76
CA HIS A 171 -8.70 -12.84 -7.75
C HIS A 171 -7.35 -12.40 -7.23
N GLY A 172 -6.32 -13.20 -7.51
CA GLY A 172 -4.97 -12.74 -7.30
C GLY A 172 -4.62 -11.61 -8.25
N PHE A 173 -3.59 -10.84 -7.91
CA PHE A 173 -3.18 -9.78 -8.80
C PHE A 173 -2.61 -10.39 -10.09
N PRO A 174 -2.86 -9.78 -11.24
CA PRO A 174 -2.36 -10.34 -12.49
C PRO A 174 -0.84 -10.46 -12.52
N SER A 175 -0.37 -11.43 -13.29
CA SER A 175 1.05 -11.62 -13.51
C SER A 175 1.57 -10.60 -14.52
N LEU A 176 2.90 -10.46 -14.55
CA LEU A 176 3.53 -9.68 -15.62
C LEU A 176 3.16 -10.22 -16.99
N GLN A 177 3.19 -11.55 -17.15
CA GLN A 177 2.83 -12.16 -18.43
C GLN A 177 1.42 -11.79 -18.85
N ALA A 178 0.47 -11.89 -17.91
CA ALA A 178 -0.91 -11.51 -18.21
C ALA A 178 -0.98 -10.07 -18.71
N LEU A 179 -0.37 -9.15 -17.96
CA LEU A 179 -0.44 -7.73 -18.30
C LEU A 179 0.38 -7.39 -19.55
N ALA A 180 1.31 -8.25 -19.95
CA ALA A 180 2.08 -8.06 -21.18
C ALA A 180 1.44 -8.72 -22.40
N GLY A 181 0.21 -9.25 -22.26
CA GLY A 181 -0.38 -10.04 -23.31
C GLY A 181 -0.94 -9.21 -24.43
N PRO A 182 -1.43 -9.89 -25.46
CA PRO A 182 -1.96 -9.19 -26.63
C PRO A 182 -3.27 -8.47 -26.30
N GLU A 183 -3.39 -7.24 -26.80
CA GLU A 183 -4.61 -6.45 -26.75
C GLU A 183 -5.01 -6.06 -25.33
N VAL A 184 -4.08 -6.14 -24.37
CA VAL A 184 -4.41 -5.79 -22.98
C VAL A 184 -4.82 -4.33 -22.88
N GLU A 185 -4.09 -3.44 -23.56
CA GLU A 185 -4.42 -2.01 -23.49
C GLU A 185 -5.86 -1.75 -23.92
N ALA A 186 -6.25 -2.27 -25.09
CA ALA A 186 -7.63 -2.10 -25.54
C ALA A 186 -8.61 -2.67 -24.53
N HIS A 187 -8.32 -3.85 -23.98
CA HIS A 187 -9.17 -4.44 -22.97
C HIS A 187 -9.26 -3.55 -21.73
N LEU A 188 -8.10 -3.09 -21.24
CA LEU A 188 -8.10 -2.23 -20.06
C LEU A 188 -8.81 -0.91 -20.32
N ARG A 189 -8.79 -0.43 -21.57
CA ARG A 189 -9.56 0.77 -21.89
C ARG A 189 -11.06 0.53 -21.73
N LYS A 190 -11.53 -0.67 -22.12
CA LYS A 190 -12.94 -1.02 -21.93
C LYS A 190 -13.33 -1.02 -20.46
N LEU A 191 -12.38 -1.30 -19.57
CA LEU A 191 -12.60 -1.27 -18.14
C LEU A 191 -12.41 0.12 -17.55
N GLY A 192 -12.23 1.13 -18.40
CA GLY A 192 -12.22 2.50 -17.95
C GLY A 192 -10.89 3.02 -17.44
N LEU A 193 -9.76 2.40 -17.78
CA LEU A 193 -8.51 2.95 -17.27
C LEU A 193 -8.03 4.14 -18.08
N GLY A 194 -8.58 4.35 -19.28
CA GLY A 194 -8.15 5.48 -20.09
C GLY A 194 -6.71 5.35 -20.52
N TYR A 195 -6.01 6.50 -20.54
CA TYR A 195 -4.62 6.52 -20.98
C TYR A 195 -3.72 5.66 -20.09
N ARG A 196 -4.10 5.43 -18.84
CA ARG A 196 -3.31 4.58 -17.95
C ARG A 196 -3.21 3.14 -18.45
N ALA A 197 -4.15 2.72 -19.31
CA ALA A 197 -4.11 1.37 -19.88
C ALA A 197 -2.84 1.17 -20.71
N ARG A 198 -2.44 2.17 -21.49
CA ARG A 198 -1.22 2.05 -22.26
C ARG A 198 -0.01 1.88 -21.35
N CYS A 199 0.05 2.64 -20.26
CA CYS A 199 1.20 2.56 -19.38
C CYS A 199 1.27 1.22 -18.65
N VAL A 200 0.12 0.62 -18.35
CA VAL A 200 0.11 -0.71 -17.73
C VAL A 200 0.71 -1.73 -18.67
N SER A 201 0.20 -1.80 -19.91
CA SER A 201 0.73 -2.71 -20.90
C SER A 201 2.20 -2.42 -21.18
N ALA A 202 2.55 -1.15 -21.37
CA ALA A 202 3.92 -0.81 -21.74
C ALA A 202 4.90 -1.15 -20.63
N SER A 203 4.52 -0.93 -19.37
CA SER A 203 5.44 -1.23 -18.27
C SER A 203 5.58 -2.73 -18.04
N ALA A 204 4.51 -3.49 -18.25
CA ALA A 204 4.62 -4.95 -18.14
C ALA A 204 5.55 -5.50 -19.20
N ARG A 205 5.47 -4.99 -20.43
CA ARG A 205 6.34 -5.46 -21.49
C ARG A 205 7.78 -5.00 -21.29
N ALA A 206 7.97 -3.78 -20.78
CA ALA A 206 9.31 -3.27 -20.54
C ALA A 206 10.05 -4.13 -19.51
N ILE A 207 9.40 -4.37 -18.36
CA ILE A 207 10.04 -5.18 -17.32
C ILE A 207 10.38 -6.56 -17.86
N LEU A 208 9.42 -7.17 -18.55
CA LEU A 208 9.54 -8.59 -18.88
C LEU A 208 10.43 -8.80 -20.10
N GLU A 209 10.43 -7.86 -21.04
CA GLU A 209 11.14 -8.03 -22.29
C GLU A 209 12.37 -7.13 -22.45
N GLU A 210 12.55 -6.13 -21.58
CA GLU A 210 13.72 -5.28 -21.64
C GLU A 210 14.55 -5.24 -20.37
N GLN A 211 13.98 -5.55 -19.21
CA GLN A 211 14.66 -5.34 -17.94
C GLN A 211 15.10 -6.62 -17.23
N GLY A 212 14.82 -7.79 -17.79
CA GLY A 212 15.18 -9.02 -17.13
C GLY A 212 14.08 -9.67 -16.32
N GLY A 213 12.88 -9.12 -16.35
CA GLY A 213 11.73 -9.80 -15.78
C GLY A 213 11.47 -9.45 -14.33
N LEU A 214 10.74 -10.37 -13.68
CA LEU A 214 10.27 -10.14 -12.32
C LEU A 214 11.43 -10.00 -11.33
N ALA A 215 12.54 -10.69 -11.57
CA ALA A 215 13.69 -10.59 -10.66
C ALA A 215 14.26 -9.18 -10.65
N TRP A 216 14.19 -8.48 -11.78
CA TRP A 216 14.68 -7.10 -11.83
C TRP A 216 13.92 -6.22 -10.85
N LEU A 217 12.58 -6.34 -10.84
CA LEU A 217 11.77 -5.52 -9.96
C LEU A 217 11.95 -5.92 -8.50
N GLN A 218 11.88 -7.23 -8.22
CA GLN A 218 11.96 -7.70 -6.84
C GLN A 218 13.31 -7.38 -6.22
N GLN A 219 14.38 -7.47 -7.00
CA GLN A 219 15.71 -7.18 -6.48
C GLN A 219 15.96 -5.71 -6.25
N LEU A 220 15.00 -4.83 -6.59
CA LEU A 220 15.09 -3.45 -6.15
C LEU A 220 14.85 -3.34 -4.65
N ARG A 221 14.31 -4.39 -4.02
CA ARG A 221 14.20 -4.42 -2.57
C ARG A 221 15.57 -4.42 -1.90
N GLU A 222 16.58 -4.96 -2.57
CA GLU A 222 17.92 -4.99 -2.01
C GLU A 222 18.78 -3.80 -2.43
N SER A 223 18.43 -3.15 -3.54
CA SER A 223 19.14 -1.96 -3.98
C SER A 223 18.87 -0.81 -3.04
N SER A 224 19.72 0.22 -3.14
CA SER A 224 19.51 1.42 -2.35
C SER A 224 18.20 2.10 -2.77
N TYR A 225 17.70 2.97 -1.89
CA TYR A 225 16.53 3.79 -2.23
C TYR A 225 16.78 4.59 -3.50
N GLU A 226 17.94 5.25 -3.57
CA GLU A 226 18.27 6.04 -4.75
C GLU A 226 18.32 5.16 -5.99
N GLU A 227 18.82 3.94 -5.85
CA GLU A 227 18.88 3.02 -6.99
C GLU A 227 17.49 2.55 -7.38
N ALA A 228 16.65 2.21 -6.39
CA ALA A 228 15.32 1.72 -6.71
C ALA A 228 14.46 2.80 -7.35
N HIS A 229 14.54 4.03 -6.84
CA HIS A 229 13.78 5.13 -7.41
C HIS A 229 14.19 5.40 -8.85
N LYS A 230 15.50 5.47 -9.11
CA LYS A 230 16.01 5.65 -10.46
C LYS A 230 15.51 4.58 -11.42
N ALA A 231 15.56 3.32 -10.99
CA ALA A 231 15.19 2.20 -11.85
C ALA A 231 13.70 2.24 -12.20
N LEU A 232 12.86 2.48 -11.20
CA LEU A 232 11.42 2.56 -11.43
C LEU A 232 11.07 3.65 -12.44
N CYS A 233 11.78 4.79 -12.39
CA CYS A 233 11.45 5.92 -13.25
C CYS A 233 11.70 5.65 -14.73
N ILE A 234 12.36 4.55 -15.07
CA ILE A 234 12.47 4.11 -16.45
C ILE A 234 11.13 3.62 -17.00
N LEU A 235 10.19 3.26 -16.14
CA LEU A 235 8.97 2.60 -16.61
C LEU A 235 7.90 3.62 -17.00
N PRO A 236 7.17 3.34 -18.08
CA PRO A 236 6.08 4.22 -18.50
C PRO A 236 4.99 4.33 -17.43
N GLY A 237 4.65 5.57 -17.08
CA GLY A 237 3.68 5.83 -16.05
C GLY A 237 4.26 6.05 -14.67
N VAL A 238 5.57 5.84 -14.50
CA VAL A 238 6.23 5.98 -13.21
C VAL A 238 7.02 7.28 -13.24
N GLY A 239 6.47 8.33 -12.63
CA GLY A 239 7.21 9.54 -12.36
C GLY A 239 7.79 9.53 -10.96
N THR A 240 8.33 10.69 -10.57
CA THR A 240 8.95 10.81 -9.24
C THR A 240 8.00 10.38 -8.14
N LYS A 241 6.77 10.90 -8.17
CA LYS A 241 5.81 10.62 -7.10
C LYS A 241 5.44 9.14 -7.07
N VAL A 242 5.14 8.57 -8.23
CA VAL A 242 4.73 7.16 -8.31
C VAL A 242 5.86 6.25 -7.82
N ALA A 243 7.10 6.57 -8.22
CA ALA A 243 8.24 5.75 -7.81
C ALA A 243 8.44 5.78 -6.31
N ASP A 244 8.23 6.94 -5.68
CA ASP A 244 8.35 7.03 -4.23
C ASP A 244 7.26 6.23 -3.53
N CYS A 245 6.04 6.27 -4.06
CA CYS A 245 4.98 5.42 -3.51
C CYS A 245 5.41 3.95 -3.53
N ILE A 246 5.98 3.50 -4.64
CA ILE A 246 6.36 2.10 -4.77
C ILE A 246 7.55 1.80 -3.88
N CYS A 247 8.50 2.74 -3.80
CA CYS A 247 9.66 2.55 -2.93
C CYS A 247 9.24 2.42 -1.48
N LEU A 248 8.32 3.27 -1.04
CA LEU A 248 7.87 3.24 0.35
C LEU A 248 7.06 1.99 0.64
N MET A 249 6.13 1.64 -0.25
CA MET A 249 5.11 0.66 0.09
C MET A 249 5.46 -0.77 -0.32
N ALA A 250 6.41 -0.96 -1.24
CA ALA A 250 6.72 -2.28 -1.75
C ALA A 250 8.19 -2.64 -1.77
N LEU A 251 9.12 -1.67 -1.77
CA LEU A 251 10.53 -1.96 -1.93
C LEU A 251 11.33 -1.68 -0.65
N ASP A 252 10.66 -1.66 0.50
CA ASP A 252 11.30 -1.50 1.80
C ASP A 252 12.18 -0.25 1.87
N LYS A 253 11.64 0.87 1.38
CA LYS A 253 12.35 2.13 1.55
C LYS A 253 11.54 3.04 2.45
N PRO A 254 11.63 2.87 3.78
CA PRO A 254 10.80 3.67 4.69
C PRO A 254 11.16 5.16 4.69
N GLN A 255 12.25 5.57 4.07
CA GLN A 255 12.61 6.98 4.01
C GLN A 255 12.06 7.67 2.76
N ALA A 256 11.45 6.93 1.85
CA ALA A 256 10.84 7.54 0.68
C ALA A 256 9.65 8.40 1.08
N VAL A 257 9.61 9.63 0.58
CA VAL A 257 8.55 10.58 0.86
C VAL A 257 7.92 11.00 -0.46
N PRO A 258 6.82 10.37 -0.87
CA PRO A 258 6.10 10.83 -2.07
C PRO A 258 5.62 12.26 -1.89
N VAL A 259 6.21 13.18 -2.64
CA VAL A 259 5.87 14.60 -2.54
C VAL A 259 4.76 14.91 -3.53
N ASP A 260 3.63 15.36 -3.00
CA ASP A 260 2.51 15.85 -3.78
C ASP A 260 2.05 17.19 -3.20
N VAL A 261 1.04 17.78 -3.81
CA VAL A 261 0.54 19.06 -3.32
C VAL A 261 -0.03 18.93 -1.92
N HIS A 262 -0.60 17.77 -1.59
CA HIS A 262 -1.03 17.51 -0.23
C HIS A 262 0.14 17.64 0.75
N MET A 263 1.31 17.11 0.37
CA MET A 263 2.47 17.28 1.22
C MET A 263 2.94 18.72 1.27
N TRP A 264 2.73 19.46 0.17
CA TRP A 264 3.08 20.88 0.16
C TRP A 264 2.24 21.67 1.16
N HIS A 265 0.93 21.48 1.11
CA HIS A 265 0.04 22.16 2.05
C HIS A 265 0.49 21.91 3.49
N ILE A 266 0.85 20.66 3.82
CA ILE A 266 1.30 20.34 5.16
C ILE A 266 2.64 20.99 5.45
N ALA A 267 3.52 21.07 4.46
CA ALA A 267 4.86 21.61 4.68
C ALA A 267 4.80 23.08 5.06
N GLN A 268 3.94 23.85 4.39
CA GLN A 268 3.84 25.28 4.67
C GLN A 268 3.03 25.54 5.93
N ARG A 269 1.83 24.96 6.00
CA ARG A 269 0.90 25.23 7.09
C ARG A 269 1.52 24.88 8.45
N ASP A 270 2.05 23.67 8.57
CA ASP A 270 2.43 23.13 9.88
C ASP A 270 3.92 23.24 10.17
N TYR A 271 4.75 23.57 9.18
CA TYR A 271 6.18 23.63 9.37
C TYR A 271 6.82 24.90 8.83
N SER A 272 6.05 25.79 8.20
CA SER A 272 6.53 27.07 7.69
C SER A 272 7.64 26.88 6.65
N TRP A 273 7.62 25.75 5.95
CA TRP A 273 8.69 25.40 5.03
C TRP A 273 8.59 26.20 3.73
N HIS A 274 9.75 26.58 3.18
CA HIS A 274 9.72 27.14 1.84
C HIS A 274 11.03 26.68 1.22
N PRO A 275 11.13 26.64 -0.11
CA PRO A 275 12.38 26.15 -0.71
C PRO A 275 13.49 27.17 -0.62
N THR A 276 14.72 26.68 -0.42
CA THR A 276 15.92 27.51 -0.41
C THR A 276 17.04 27.04 -1.31
N THR A 277 16.99 25.82 -1.85
CA THR A 277 17.97 25.39 -2.84
C THR A 277 17.69 25.98 -4.21
N SER A 278 16.44 26.33 -4.48
CA SER A 278 16.00 26.91 -5.74
C SER A 278 15.29 28.23 -5.45
N GLN A 279 14.89 28.94 -6.51
CA GLN A 279 14.14 30.18 -6.35
C GLN A 279 12.69 30.06 -6.76
N ALA A 280 12.29 28.96 -7.40
CA ALA A 280 10.87 28.71 -7.60
C ALA A 280 10.18 28.53 -6.25
N LYS A 281 8.93 28.98 -6.18
CA LYS A 281 8.23 29.07 -4.91
C LYS A 281 7.11 28.03 -4.78
N GLY A 282 6.79 27.29 -5.83
CA GLY A 282 5.78 26.27 -5.78
C GLY A 282 6.30 24.93 -6.25
N PRO A 283 5.41 23.96 -6.42
CA PRO A 283 5.84 22.62 -6.82
C PRO A 283 6.58 22.62 -8.15
N SER A 284 7.66 21.83 -8.20
CA SER A 284 8.47 21.61 -9.38
C SER A 284 9.39 20.43 -9.07
N PRO A 285 10.08 19.85 -10.06
CA PRO A 285 11.03 18.77 -9.74
C PRO A 285 12.02 19.16 -8.64
N GLN A 286 12.64 20.34 -8.79
CA GLN A 286 13.67 20.77 -7.85
C GLN A 286 13.09 20.95 -6.45
N THR A 287 11.96 21.67 -6.34
CA THR A 287 11.41 21.96 -5.02
C THR A 287 10.82 20.70 -4.38
N ASN A 288 10.12 19.87 -5.16
CA ASN A 288 9.60 18.62 -4.62
C ASN A 288 10.71 17.75 -4.05
N LYS A 289 11.86 17.71 -4.73
CA LYS A 289 12.98 16.91 -4.24
C LYS A 289 13.48 17.46 -2.90
N GLU A 290 13.64 18.78 -2.81
CA GLU A 290 14.03 19.41 -1.56
C GLU A 290 13.03 19.11 -0.45
N LEU A 291 11.74 19.19 -0.76
CA LEU A 291 10.72 18.90 0.24
C LEU A 291 10.89 17.50 0.82
N GLY A 292 11.15 16.52 -0.05
CA GLY A 292 11.39 15.17 0.44
C GLY A 292 12.63 15.07 1.29
N ASN A 293 13.72 15.72 0.85
CA ASN A 293 14.93 15.77 1.66
C ASN A 293 14.67 16.46 2.99
N PHE A 294 13.83 17.49 3.00
CA PHE A 294 13.53 18.22 4.23
C PHE A 294 12.91 17.30 5.26
N PHE A 295 11.92 16.52 4.86
CA PHE A 295 11.24 15.65 5.80
C PHE A 295 12.12 14.47 6.19
N ARG A 296 13.04 14.05 5.31
CA ARG A 296 13.94 12.96 5.64
C ARG A 296 14.94 13.36 6.71
N SER A 297 15.39 14.62 6.72
CA SER A 297 16.27 15.07 7.78
C SER A 297 15.52 15.50 9.03
N LEU A 298 14.24 15.87 8.91
CA LEU A 298 13.44 16.17 10.08
C LEU A 298 13.01 14.90 10.81
N TRP A 299 12.48 13.93 10.07
CA TRP A 299 11.88 12.74 10.69
C TRP A 299 12.81 11.55 10.76
N GLY A 300 13.89 11.54 9.97
CA GLY A 300 14.81 10.43 10.00
C GLY A 300 14.47 9.36 8.98
N PRO A 301 15.10 8.20 9.12
CA PRO A 301 15.00 7.16 8.05
C PRO A 301 13.60 6.59 7.87
N TYR A 302 12.64 6.89 8.73
CA TYR A 302 11.27 6.41 8.56
C TYR A 302 10.32 7.55 8.22
N ALA A 303 10.81 8.54 7.47
CA ALA A 303 10.02 9.72 7.14
C ALA A 303 8.73 9.35 6.41
N GLY A 304 8.78 8.37 5.52
CA GLY A 304 7.58 7.96 4.79
C GLY A 304 6.49 7.43 5.70
N TRP A 305 6.87 6.76 6.79
CA TRP A 305 5.88 6.31 7.76
C TRP A 305 5.28 7.50 8.51
N ALA A 306 6.13 8.47 8.87
CA ALA A 306 5.64 9.66 9.55
C ALA A 306 4.65 10.41 8.66
N GLN A 307 4.95 10.51 7.37
CA GLN A 307 4.02 11.13 6.43
C GLN A 307 2.68 10.41 6.43
N ALA A 308 2.70 9.08 6.52
CA ALA A 308 1.46 8.33 6.52
C ALA A 308 0.59 8.68 7.73
N VAL A 309 1.22 8.93 8.88
CA VAL A 309 0.46 9.35 10.05
C VAL A 309 -0.23 10.68 9.79
N LEU A 310 0.51 11.65 9.28
CA LEU A 310 -0.05 12.97 9.00
C LEU A 310 -1.15 12.89 7.95
N PHE A 311 -0.89 12.20 6.85
CA PHE A 311 -1.90 12.01 5.82
C PHE A 311 -3.17 11.41 6.40
N SER A 312 -3.02 10.49 7.36
CA SER A 312 -4.19 9.83 7.92
C SER A 312 -5.01 10.78 8.77
N ALA A 313 -4.38 11.80 9.36
CA ALA A 313 -5.13 12.78 10.13
C ALA A 313 -6.12 13.53 9.24
N ASP A 314 -5.65 14.07 8.11
CA ASP A 314 -6.49 14.82 7.18
C ASP A 314 -7.69 13.98 6.76
N LEU A 315 -7.44 12.95 5.96
CA LEU A 315 -8.46 11.99 5.54
C LEU A 315 -9.34 11.54 6.71
#